data_8IMD
#
_entry.id   8IMD
#
_cell.length_a   45.240
_cell.length_b   53.612
_cell.length_c   169.567
_cell.angle_alpha   90.00
_cell.angle_beta   90.00
_cell.angle_gamma   90.00
#
_symmetry.space_group_name_H-M   'P 21 21 21'
#
loop_
_entity.id
_entity.type
_entity.pdbx_description
1 polymer 'Cu/Zn-Superoxide dismutase'
2 non-polymer '2-(N-MORPHOLINO)-ETHANESULFONIC ACID'
3 non-polymer 'COPPER (II) ION'
4 non-polymer 'ZINC ION'
5 water water
#
_entity_poly.entity_id   1
_entity_poly.type   'polypeptide(L)'
_entity_poly.pdbx_seq_one_letter_code
;GPNPEGTLEAIKHTTSKISYYVNGKDHSTPAGQFMNQGTAAPDSIIHNGTTYVPVRMVSDLVGQPVYWEQASRTISLGLP
VVKLYNAAGESVGSATLEQINDGVKVKITASGLTPGKHGFHVHENVIQGGDFKSAGGHFNPTDKHHGLENPQGSHVGDMP
NLVVGTDGNAEAEMIIQHGTLEKDQPNTVLGRSLIIHAGEDDGVTDPSGNSGDRVAGGNIPE
;
_entity_poly.pdbx_strand_id   A,B
#
# COMPACT_ATOMS: atom_id res chain seq x y z
N SER A 16 -12.03 -6.55 17.29
CA SER A 16 -11.73 -5.10 17.51
C SER A 16 -11.48 -4.43 16.15
N LYS A 17 -12.20 -3.34 15.89
CA LYS A 17 -12.15 -2.62 14.61
C LYS A 17 -10.76 -2.00 14.42
N ILE A 18 -10.07 -2.34 13.35
CA ILE A 18 -8.87 -1.57 12.96
C ILE A 18 -9.31 -0.53 11.95
N SER A 19 -8.85 0.71 12.13
CA SER A 19 -9.11 1.81 11.19
C SER A 19 -7.86 2.04 10.35
N TYR A 20 -8.06 2.49 9.10
CA TYR A 20 -6.98 2.79 8.13
C TYR A 20 -7.20 4.19 7.58
N TYR A 21 -6.21 5.04 7.64
CA TYR A 21 -6.21 6.38 7.02
C TYR A 21 -5.08 6.41 6.03
N VAL A 22 -5.36 7.03 4.87
CA VAL A 22 -4.34 7.28 3.84
C VAL A 22 -4.28 8.78 3.58
N ASN A 23 -3.13 9.37 3.89
CA ASN A 23 -2.94 10.84 3.77
C ASN A 23 -4.13 11.56 4.40
N GLY A 24 -4.60 11.12 5.56
CA GLY A 24 -5.64 11.78 6.37
C GLY A 24 -7.06 11.43 6.00
N LYS A 25 -7.25 10.65 4.92
CA LYS A 25 -8.61 10.25 4.50
C LYS A 25 -8.94 8.85 5.05
N ASP A 26 -10.14 8.69 5.58
CA ASP A 26 -10.56 7.39 6.16
C ASP A 26 -10.72 6.37 5.01
N HIS A 27 -9.98 5.25 5.05
CA HIS A 27 -10.10 4.06 4.17
C HIS A 27 -10.59 2.84 4.95
N SER A 28 -11.17 3.03 6.12
CA SER A 28 -11.67 1.93 6.98
C SER A 28 -12.82 1.25 6.29
N THR A 29 -12.96 -0.03 6.50
CA THR A 29 -14.18 -0.76 6.03
C THR A 29 -15.30 -0.40 6.98
N PRO A 30 -16.58 -0.51 6.55
CA PRO A 30 -17.68 -0.16 7.44
C PRO A 30 -17.99 -1.18 8.55
N ALA A 31 -17.60 -2.44 8.39
CA ALA A 31 -17.96 -3.52 9.33
C ALA A 31 -16.76 -4.40 9.68
N GLY A 32 -15.52 -3.98 9.38
CA GLY A 32 -14.33 -4.81 9.70
C GLY A 32 -14.17 -5.97 8.74
N GLN A 33 -14.95 -6.01 7.64
CA GLN A 33 -14.87 -7.05 6.59
C GLN A 33 -14.43 -6.47 5.26
N PHE A 34 -13.55 -7.18 4.58
CA PHE A 34 -13.12 -6.85 3.22
C PHE A 34 -13.89 -7.75 2.25
N MET A 35 -14.48 -7.12 1.24
CA MET A 35 -15.31 -7.84 0.22
C MET A 35 -14.54 -7.83 -1.09
N ASN A 36 -14.50 -8.96 -1.78
CA ASN A 36 -13.83 -9.05 -3.09
C ASN A 36 -14.46 -10.21 -3.85
N GLN A 37 -14.96 -9.95 -5.06
CA GLN A 37 -15.57 -10.95 -5.97
C GLN A 37 -16.52 -11.83 -5.13
N GLY A 38 -17.38 -11.20 -4.32
CA GLY A 38 -18.50 -11.86 -3.63
C GLY A 38 -18.10 -12.70 -2.43
N THR A 39 -16.88 -12.54 -1.92
CA THR A 39 -16.41 -13.21 -0.68
C THR A 39 -16.12 -12.12 0.36
N ALA A 40 -16.40 -12.39 1.63
CA ALA A 40 -16.04 -11.54 2.79
C ALA A 40 -14.90 -12.23 3.56
N ALA A 41 -13.95 -11.44 4.06
CA ALA A 41 -12.85 -11.89 4.93
C ALA A 41 -12.65 -10.79 5.97
N PRO A 42 -12.20 -11.11 7.20
CA PRO A 42 -11.85 -10.05 8.13
C PRO A 42 -10.83 -9.13 7.45
N ASP A 43 -10.95 -7.83 7.64
CA ASP A 43 -10.06 -6.90 6.93
C ASP A 43 -8.66 -6.83 7.56
N SER A 44 -8.49 -7.35 8.78
CA SER A 44 -7.22 -7.21 9.55
C SER A 44 -6.96 -8.50 10.31
N ILE A 45 -5.71 -8.91 10.31
CA ILE A 45 -5.19 -9.88 11.29
C ILE A 45 -3.94 -9.27 11.91
N ILE A 46 -3.83 -9.37 13.23
CA ILE A 46 -2.59 -8.95 13.93
C ILE A 46 -1.90 -10.20 14.41
N HIS A 47 -0.64 -10.33 14.00
CA HIS A 47 0.17 -11.48 14.46
C HIS A 47 1.60 -11.01 14.73
N ASN A 48 2.14 -11.36 15.92
CA ASN A 48 3.48 -10.97 16.38
C ASN A 48 3.60 -9.45 16.31
N GLY A 49 2.50 -8.77 16.59
CA GLY A 49 2.47 -7.29 16.61
C GLY A 49 2.34 -6.71 15.19
N THR A 50 2.33 -7.53 14.12
CA THR A 50 2.31 -7.05 12.72
C THR A 50 0.85 -7.05 12.22
N THR A 51 0.36 -5.95 11.66
CA THR A 51 -0.99 -5.87 11.05
C THR A 51 -0.94 -6.36 9.61
N TYR A 52 -1.80 -7.31 9.30
CA TYR A 52 -1.93 -7.92 7.98
C TYR A 52 -3.29 -7.60 7.42
N VAL A 53 -3.31 -7.41 6.10
CA VAL A 53 -4.57 -7.16 5.35
C VAL A 53 -4.62 -8.13 4.19
N PRO A 54 -5.83 -8.43 3.67
CA PRO A 54 -5.91 -9.26 2.47
C PRO A 54 -5.13 -8.67 1.30
N VAL A 55 -4.49 -9.54 0.52
N VAL A 55 -4.48 -9.53 0.53
CA VAL A 55 -3.70 -9.12 -0.67
CA VAL A 55 -3.68 -9.09 -0.65
C VAL A 55 -4.53 -8.23 -1.58
C VAL A 55 -4.54 -8.19 -1.56
N ARG A 56 -5.82 -8.53 -1.79
CA ARG A 56 -6.66 -7.76 -2.74
C ARG A 56 -7.13 -6.43 -2.11
N MET A 57 -6.79 -6.12 -0.85
CA MET A 57 -7.14 -4.85 -0.20
C MET A 57 -5.95 -3.88 -0.23
N VAL A 58 -4.76 -4.39 -0.40
N VAL A 58 -4.75 -4.43 -0.38
CA VAL A 58 -3.59 -3.57 -0.01
CA VAL A 58 -3.50 -3.65 -0.14
C VAL A 58 -3.27 -2.52 -1.11
C VAL A 58 -3.48 -2.42 -1.07
N SER A 59 -3.83 -2.61 -2.33
CA SER A 59 -3.76 -1.56 -3.37
C SER A 59 -4.39 -0.27 -2.85
N ASP A 60 -5.54 -0.39 -2.23
CA ASP A 60 -6.30 0.78 -1.75
C ASP A 60 -5.45 1.51 -0.70
N LEU A 61 -4.58 0.80 0.01
CA LEU A 61 -3.83 1.43 1.12
C LEU A 61 -2.50 1.98 0.63
N VAL A 62 -1.97 1.56 -0.53
CA VAL A 62 -0.59 1.97 -0.93
C VAL A 62 -0.57 2.78 -2.24
N GLY A 63 -1.72 3.00 -2.86
CA GLY A 63 -1.89 3.92 -3.99
C GLY A 63 -1.09 3.50 -5.20
N GLN A 64 -0.82 2.19 -5.32
CA GLN A 64 -0.10 1.61 -6.49
C GLN A 64 -0.96 0.41 -6.90
N PRO A 65 -1.02 -0.01 -8.18
CA PRO A 65 -1.75 -1.24 -8.47
C PRO A 65 -0.94 -2.40 -7.86
N VAL A 66 -1.70 -3.38 -7.39
CA VAL A 66 -1.15 -4.61 -6.75
C VAL A 66 -1.67 -5.76 -7.60
N TYR A 67 -0.74 -6.51 -8.17
CA TYR A 67 -1.10 -7.69 -8.98
C TYR A 67 -0.76 -8.92 -8.16
N TRP A 68 -1.68 -9.88 -8.23
CA TRP A 68 -1.63 -11.12 -7.43
C TRP A 68 -1.76 -12.34 -8.35
N GLU A 69 -0.79 -13.22 -8.26
CA GLU A 69 -0.80 -14.53 -8.96
C GLU A 69 -1.02 -15.58 -7.87
N GLN A 70 -2.24 -16.09 -7.74
CA GLN A 70 -2.67 -16.86 -6.54
C GLN A 70 -1.91 -18.19 -6.48
N ALA A 71 -1.80 -18.94 -7.58
CA ALA A 71 -1.23 -20.30 -7.54
C ALA A 71 0.28 -20.22 -7.27
N SER A 72 0.98 -19.22 -7.80
CA SER A 72 2.46 -19.07 -7.60
C SER A 72 2.74 -18.18 -6.39
N ARG A 73 1.71 -17.65 -5.73
CA ARG A 73 1.88 -16.77 -4.55
C ARG A 73 2.86 -15.63 -4.85
N THR A 74 2.65 -14.92 -5.95
CA THR A 74 3.51 -13.79 -6.39
C THR A 74 2.71 -12.49 -6.37
N ILE A 75 3.23 -11.50 -5.65
CA ILE A 75 2.73 -10.10 -5.66
C ILE A 75 3.67 -9.26 -6.51
N SER A 76 3.07 -8.53 -7.42
N SER A 76 3.12 -8.54 -7.46
CA SER A 76 3.72 -7.55 -8.33
CA SER A 76 3.90 -7.57 -8.25
C SER A 76 3.18 -6.17 -8.00
C SER A 76 3.25 -6.19 -8.07
N LEU A 77 4.09 -5.25 -7.68
CA LEU A 77 3.68 -3.84 -7.47
C LEU A 77 4.17 -3.07 -8.68
N GLY A 78 3.29 -2.21 -9.17
CA GLY A 78 3.64 -1.32 -10.27
C GLY A 78 3.35 -1.95 -11.61
N LEU A 79 4.21 -2.90 -11.99
CA LEU A 79 4.22 -3.64 -13.29
C LEU A 79 3.94 -5.11 -13.01
N PRO A 80 3.04 -5.77 -13.76
CA PRO A 80 2.87 -7.20 -13.56
C PRO A 80 4.14 -7.93 -13.96
N VAL A 81 4.49 -8.95 -13.17
CA VAL A 81 5.58 -9.90 -13.48
C VAL A 81 4.93 -11.25 -13.84
N VAL A 82 5.47 -11.88 -14.87
CA VAL A 82 5.07 -13.24 -15.30
C VAL A 82 6.27 -14.13 -15.12
N LYS A 83 6.13 -15.15 -14.28
CA LYS A 83 7.18 -16.17 -14.14
C LYS A 83 6.91 -17.30 -15.11
N LEU A 84 7.87 -17.66 -15.93
CA LEU A 84 7.70 -18.66 -16.97
C LEU A 84 8.38 -19.94 -16.50
N TYR A 85 7.70 -21.04 -16.71
CA TYR A 85 8.14 -22.38 -16.35
C TYR A 85 8.06 -23.33 -17.53
N ASN A 86 8.85 -24.40 -17.54
CA ASN A 86 8.66 -25.50 -18.50
C ASN A 86 7.60 -26.49 -17.98
N ALA A 87 7.38 -27.56 -18.74
CA ALA A 87 6.34 -28.55 -18.45
C ALA A 87 6.63 -29.22 -17.09
N ALA A 88 7.90 -29.31 -16.70
CA ALA A 88 8.38 -29.94 -15.44
C ALA A 88 8.24 -29.01 -14.23
N GLY A 89 7.79 -27.75 -14.39
CA GLY A 89 7.67 -26.79 -13.27
C GLY A 89 8.96 -26.04 -12.96
N GLU A 90 9.97 -26.15 -13.82
CA GLU A 90 11.28 -25.46 -13.60
C GLU A 90 11.27 -24.08 -14.26
N SER A 91 11.80 -23.09 -13.56
CA SER A 91 11.90 -21.70 -14.08
C SER A 91 12.67 -21.69 -15.41
N VAL A 92 12.16 -20.97 -16.41
CA VAL A 92 12.90 -20.74 -17.68
C VAL A 92 13.06 -19.26 -17.94
N GLY A 93 12.47 -18.40 -17.12
CA GLY A 93 12.59 -16.96 -17.36
C GLY A 93 11.41 -16.21 -16.83
N SER A 94 11.29 -14.96 -17.23
CA SER A 94 10.24 -14.07 -16.73
C SER A 94 9.96 -12.95 -17.70
N ALA A 95 8.86 -12.30 -17.46
CA ALA A 95 8.47 -11.16 -18.30
C ALA A 95 7.83 -10.10 -17.42
N THR A 96 7.98 -8.86 -17.82
CA THR A 96 7.23 -7.72 -17.28
C THR A 96 6.26 -7.24 -18.33
N LEU A 97 5.14 -6.70 -17.88
CA LEU A 97 4.14 -6.08 -18.75
C LEU A 97 4.03 -4.63 -18.36
N GLU A 98 3.82 -3.75 -19.33
CA GLU A 98 3.54 -2.32 -19.02
C GLU A 98 2.54 -1.76 -20.02
N GLN A 99 1.56 -1.01 -19.52
CA GLN A 99 0.52 -0.44 -20.37
C GLN A 99 1.16 0.64 -21.22
N ILE A 100 0.90 0.61 -22.53
CA ILE A 100 1.29 1.73 -23.45
C ILE A 100 0.06 2.10 -24.26
N ASN A 101 0.21 3.09 -25.15
CA ASN A 101 -0.93 3.56 -25.96
C ASN A 101 -1.44 2.41 -26.83
N ASP A 102 -2.67 1.94 -26.61
CA ASP A 102 -3.33 0.89 -27.44
C ASP A 102 -2.50 -0.40 -27.46
N GLY A 103 -1.75 -0.70 -26.39
CA GLY A 103 -1.12 -2.01 -26.24
C GLY A 103 -0.55 -2.29 -24.88
N VAL A 104 -0.02 -3.50 -24.70
CA VAL A 104 0.79 -3.85 -23.52
C VAL A 104 2.16 -4.27 -24.01
N LYS A 105 3.19 -3.66 -23.47
CA LYS A 105 4.59 -3.92 -23.83
C LYS A 105 5.08 -5.06 -22.95
N VAL A 106 5.53 -6.16 -23.59
CA VAL A 106 6.08 -7.33 -22.89
C VAL A 106 7.59 -7.30 -22.99
N LYS A 107 8.29 -7.32 -21.87
CA LYS A 107 9.76 -7.43 -21.85
C LYS A 107 10.06 -8.81 -21.30
N ILE A 108 10.58 -9.69 -22.13
CA ILE A 108 10.75 -11.10 -21.77
C ILE A 108 12.21 -11.47 -21.83
N THR A 109 12.62 -12.24 -20.82
N THR A 109 12.68 -12.27 -20.87
CA THR A 109 13.89 -12.97 -20.70
CA THR A 109 13.99 -12.92 -20.89
C THR A 109 13.56 -14.45 -20.65
C THR A 109 13.81 -14.40 -20.53
N ALA A 110 14.23 -15.27 -21.45
CA ALA A 110 14.11 -16.72 -21.30
C ALA A 110 15.44 -17.38 -21.61
N SER A 111 15.65 -18.54 -21.01
CA SER A 111 16.90 -19.32 -21.14
C SER A 111 16.54 -20.79 -21.32
N GLY A 112 17.44 -21.54 -21.95
CA GLY A 112 17.30 -22.99 -22.04
C GLY A 112 16.30 -23.44 -23.09
N LEU A 113 16.01 -22.62 -24.10
CA LEU A 113 15.08 -22.96 -25.20
C LEU A 113 15.87 -23.42 -26.42
N THR A 114 15.27 -24.20 -27.30
CA THR A 114 15.94 -24.65 -28.54
C THR A 114 16.17 -23.47 -29.47
N PRO A 115 17.38 -23.35 -30.05
CA PRO A 115 17.67 -22.29 -31.01
C PRO A 115 16.59 -22.25 -32.10
N GLY A 116 16.25 -21.02 -32.47
CA GLY A 116 15.37 -20.75 -33.59
C GLY A 116 14.17 -19.94 -33.14
N LYS A 117 13.16 -19.90 -33.99
CA LYS A 117 11.96 -19.07 -33.75
C LYS A 117 10.89 -19.90 -33.05
N HIS A 118 10.33 -19.33 -31.98
CA HIS A 118 9.25 -19.95 -31.19
C HIS A 118 8.00 -19.07 -31.15
N GLY A 119 6.88 -19.68 -31.45
CA GLY A 119 5.58 -19.02 -31.29
C GLY A 119 5.40 -18.51 -29.87
N PHE A 120 4.78 -17.34 -29.74
CA PHE A 120 4.74 -16.62 -28.46
C PHE A 120 3.43 -15.85 -28.42
N HIS A 121 2.50 -16.23 -27.52
CA HIS A 121 1.17 -15.61 -27.52
C HIS A 121 0.64 -15.50 -26.11
N VAL A 122 -0.30 -14.57 -25.96
CA VAL A 122 -1.21 -14.55 -24.79
C VAL A 122 -2.32 -15.56 -25.07
N HIS A 123 -2.46 -16.50 -24.17
CA HIS A 123 -3.57 -17.48 -24.23
C HIS A 123 -4.72 -17.00 -23.33
N GLU A 124 -5.90 -17.52 -23.63
N GLU A 124 -5.90 -17.57 -23.56
CA GLU A 124 -7.14 -17.04 -22.99
CA GLU A 124 -7.18 -17.05 -23.00
C GLU A 124 -7.11 -17.26 -21.47
C GLU A 124 -7.33 -17.36 -21.50
N ASN A 125 -6.79 -18.47 -21.04
CA ASN A 125 -7.01 -18.96 -19.65
C ASN A 125 -5.71 -18.93 -18.86
N VAL A 126 -5.82 -18.85 -17.54
CA VAL A 126 -4.71 -19.22 -16.63
C VAL A 126 -4.33 -20.68 -16.86
N ILE A 127 -3.07 -20.98 -16.62
CA ILE A 127 -2.58 -22.37 -16.53
C ILE A 127 -2.94 -22.91 -15.15
N GLN A 128 -3.64 -24.02 -15.13
CA GLN A 128 -3.97 -24.69 -13.86
C GLN A 128 -3.09 -25.91 -13.67
N GLY A 129 -2.47 -25.99 -12.48
CA GLY A 129 -1.67 -27.18 -12.10
C GLY A 129 -0.47 -27.35 -13.02
N GLY A 130 0.04 -26.26 -13.61
CA GLY A 130 1.22 -26.31 -14.49
C GLY A 130 0.99 -27.02 -15.82
N ASP A 131 -0.25 -27.35 -16.20
CA ASP A 131 -0.62 -28.10 -17.43
C ASP A 131 -1.00 -27.13 -18.54
N PHE A 132 -0.14 -26.95 -19.54
CA PHE A 132 -0.30 -25.87 -20.51
C PHE A 132 -1.55 -26.05 -21.36
N LYS A 133 -2.11 -27.24 -21.43
CA LYS A 133 -3.34 -27.49 -22.22
C LYS A 133 -4.47 -26.64 -21.61
N SER A 134 -4.39 -26.39 -20.32
CA SER A 134 -5.48 -25.66 -19.62
C SER A 134 -5.52 -24.19 -20.05
N ALA A 135 -4.46 -23.64 -20.63
CA ALA A 135 -4.39 -22.22 -21.08
C ALA A 135 -5.38 -21.89 -22.18
N GLY A 136 -5.92 -22.93 -22.85
CA GLY A 136 -6.87 -22.71 -23.93
C GLY A 136 -6.23 -22.14 -25.14
N GLY A 137 -7.04 -21.56 -26.03
CA GLY A 137 -6.54 -20.97 -27.25
C GLY A 137 -6.00 -19.58 -27.07
N HIS A 138 -5.62 -18.92 -28.16
CA HIS A 138 -5.09 -17.56 -28.11
C HIS A 138 -6.18 -16.63 -27.62
N PHE A 139 -5.73 -15.64 -26.86
CA PHE A 139 -6.64 -14.54 -26.44
C PHE A 139 -7.12 -13.80 -27.68
N ASN A 140 -8.44 -13.79 -27.86
CA ASN A 140 -9.03 -13.36 -29.14
C ASN A 140 -10.35 -12.60 -28.90
N PRO A 141 -10.31 -11.52 -28.09
CA PRO A 141 -11.55 -10.81 -27.75
C PRO A 141 -12.18 -10.08 -28.95
N THR A 142 -11.44 -9.85 -30.05
CA THR A 142 -11.99 -9.16 -31.25
C THR A 142 -12.36 -10.16 -32.35
N ASP A 143 -12.32 -11.45 -32.06
CA ASP A 143 -12.88 -12.51 -32.94
C ASP A 143 -12.21 -12.44 -34.30
N LYS A 144 -10.87 -12.46 -34.33
CA LYS A 144 -10.06 -12.42 -35.58
C LYS A 144 -9.45 -13.80 -35.84
N HIS A 145 -8.90 -13.97 -37.04
CA HIS A 145 -8.09 -15.17 -37.32
C HIS A 145 -6.69 -14.99 -36.74
N HIS A 146 -5.93 -16.08 -36.71
CA HIS A 146 -4.55 -16.02 -36.17
C HIS A 146 -3.63 -15.28 -37.13
N GLY A 147 -2.72 -14.47 -36.62
CA GLY A 147 -1.49 -14.14 -37.37
C GLY A 147 -1.32 -12.68 -37.73
N LEU A 148 -0.14 -12.17 -37.45
CA LEU A 148 0.20 -10.74 -37.73
C LEU A 148 0.41 -10.57 -39.24
N GLU A 149 0.59 -11.65 -40.02
CA GLU A 149 0.76 -11.54 -41.48
C GLU A 149 -0.53 -11.96 -42.18
N ASN A 150 -1.59 -12.15 -41.43
CA ASN A 150 -2.87 -12.64 -41.97
C ASN A 150 -3.77 -11.45 -42.27
N PRO A 151 -4.29 -11.24 -43.52
CA PRO A 151 -5.18 -10.11 -43.78
C PRO A 151 -6.45 -10.15 -42.91
N GLN A 152 -6.83 -11.33 -42.40
CA GLN A 152 -8.01 -11.51 -41.53
C GLN A 152 -7.58 -11.67 -40.07
N GLY A 153 -6.31 -11.38 -39.81
CA GLY A 153 -5.73 -11.38 -38.45
C GLY A 153 -6.07 -10.07 -37.73
N SER A 154 -5.60 -9.92 -36.48
CA SER A 154 -4.88 -10.93 -35.73
C SER A 154 -5.49 -11.04 -34.35
N HIS A 155 -5.19 -12.11 -33.63
CA HIS A 155 -5.60 -12.28 -32.22
C HIS A 155 -4.94 -11.20 -31.40
N VAL A 156 -5.66 -10.53 -30.49
CA VAL A 156 -4.97 -9.60 -29.56
C VAL A 156 -3.77 -10.33 -28.91
N GLY A 157 -3.91 -11.63 -28.61
CA GLY A 157 -2.79 -12.41 -28.02
C GLY A 157 -1.57 -12.61 -28.91
N ASP A 158 -1.62 -12.29 -30.20
CA ASP A 158 -0.52 -12.68 -31.11
C ASP A 158 0.68 -11.74 -30.98
N MET A 159 1.84 -12.29 -30.75
CA MET A 159 3.09 -11.53 -30.75
C MET A 159 4.01 -12.17 -31.80
N PRO A 160 5.07 -11.46 -32.23
CA PRO A 160 6.09 -12.04 -33.09
C PRO A 160 6.73 -13.23 -32.41
N ASN A 161 7.34 -14.07 -33.23
CA ASN A 161 8.13 -15.19 -32.70
C ASN A 161 9.20 -14.68 -31.73
N LEU A 162 9.44 -15.46 -30.71
CA LEU A 162 10.61 -15.30 -29.82
C LEU A 162 11.79 -15.89 -30.56
N VAL A 163 12.84 -15.10 -30.79
CA VAL A 163 14.06 -15.55 -31.50
C VAL A 163 15.09 -15.98 -30.46
N VAL A 164 15.29 -17.28 -30.43
CA VAL A 164 16.23 -17.91 -29.49
C VAL A 164 17.54 -18.14 -30.22
N GLY A 165 18.64 -17.77 -29.58
CA GLY A 165 19.99 -17.90 -30.16
C GLY A 165 20.57 -19.29 -30.03
N THR A 166 21.79 -19.50 -30.56
CA THR A 166 22.58 -20.73 -30.39
C THR A 166 22.82 -21.00 -28.89
N ASP A 167 22.81 -19.97 -28.06
CA ASP A 167 23.06 -20.05 -26.58
C ASP A 167 21.77 -20.45 -25.84
N GLY A 168 20.63 -20.57 -26.53
CA GLY A 168 19.38 -21.00 -25.89
C GLY A 168 18.68 -19.87 -25.20
N ASN A 169 19.10 -18.63 -25.40
CA ASN A 169 18.55 -17.46 -24.69
C ASN A 169 17.72 -16.61 -25.63
N ALA A 170 16.73 -15.92 -25.08
CA ALA A 170 15.93 -14.88 -25.76
C ALA A 170 15.81 -13.68 -24.81
N GLU A 171 15.90 -12.50 -25.38
CA GLU A 171 15.59 -11.21 -24.74
C GLU A 171 14.86 -10.40 -25.78
N ALA A 172 13.64 -9.96 -25.50
CA ALA A 172 12.83 -9.26 -26.49
C ALA A 172 11.82 -8.34 -25.82
N GLU A 173 11.35 -7.41 -26.62
CA GLU A 173 10.26 -6.50 -26.28
C GLU A 173 9.20 -6.69 -27.35
N MET A 174 8.06 -7.19 -26.94
CA MET A 174 6.95 -7.50 -27.88
C MET A 174 5.78 -6.64 -27.45
N ILE A 175 4.88 -6.34 -28.36
CA ILE A 175 3.63 -5.60 -28.03
C ILE A 175 2.41 -6.50 -28.22
N ILE A 176 1.58 -6.61 -27.19
CA ILE A 176 0.23 -7.18 -27.29
C ILE A 176 -0.64 -6.06 -27.84
N GLN A 177 -0.87 -6.02 -29.13
CA GLN A 177 -1.57 -4.85 -29.73
C GLN A 177 -3.00 -4.83 -29.20
N HIS A 178 -3.43 -3.67 -28.67
CA HIS A 178 -4.82 -3.43 -28.20
C HIS A 178 -5.08 -4.09 -26.84
N GLY A 179 -4.06 -4.75 -26.28
CA GLY A 179 -4.19 -5.32 -24.92
C GLY A 179 -4.31 -4.20 -23.92
N THR A 180 -4.88 -4.50 -22.76
CA THR A 180 -4.94 -3.51 -21.65
C THR A 180 -4.65 -4.22 -20.33
N LEU A 181 -4.04 -3.49 -19.40
CA LEU A 181 -3.87 -3.92 -17.99
C LEU A 181 -5.04 -3.38 -17.16
N GLU A 182 -5.95 -2.62 -17.73
CA GLU A 182 -7.14 -2.19 -16.94
C GLU A 182 -8.08 -3.37 -16.70
N LYS A 183 -8.72 -3.48 -15.53
CA LYS A 183 -9.57 -4.64 -15.17
C LYS A 183 -10.92 -4.54 -15.87
N ASP A 184 -11.55 -5.69 -16.13
CA ASP A 184 -12.98 -5.77 -16.55
C ASP A 184 -13.22 -5.18 -17.93
N GLN A 185 -12.21 -5.18 -18.80
CA GLN A 185 -12.36 -4.67 -20.19
C GLN A 185 -12.28 -5.87 -21.13
N PRO A 186 -12.92 -5.82 -22.30
CA PRO A 186 -12.83 -6.95 -23.22
C PRO A 186 -11.36 -7.35 -23.48
N ASN A 187 -10.43 -6.42 -23.56
CA ASN A 187 -9.01 -6.73 -23.98
C ASN A 187 -8.06 -6.82 -22.78
N THR A 188 -8.62 -6.92 -21.57
CA THR A 188 -7.83 -7.10 -20.34
C THR A 188 -6.99 -8.40 -20.46
N VAL A 189 -5.70 -8.28 -20.31
CA VAL A 189 -4.79 -9.48 -20.38
C VAL A 189 -4.47 -10.00 -18.98
N LEU A 190 -4.84 -9.29 -17.92
CA LEU A 190 -4.69 -9.77 -16.53
C LEU A 190 -5.41 -11.09 -16.37
N GLY A 191 -4.81 -11.97 -15.59
CA GLY A 191 -5.43 -13.25 -15.21
C GLY A 191 -5.45 -14.25 -16.35
N ARG A 192 -4.57 -14.08 -17.34
CA ARG A 192 -4.45 -15.04 -18.47
C ARG A 192 -3.06 -15.69 -18.39
N SER A 193 -2.51 -16.05 -19.53
CA SER A 193 -1.20 -16.72 -19.57
C SER A 193 -0.43 -16.31 -20.81
N LEU A 194 0.90 -16.42 -20.67
CA LEU A 194 1.84 -16.37 -21.81
C LEU A 194 2.32 -17.79 -22.08
N ILE A 195 2.36 -18.15 -23.34
CA ILE A 195 2.84 -19.48 -23.80
C ILE A 195 3.94 -19.27 -24.85
N ILE A 196 5.02 -20.02 -24.65
CA ILE A 196 6.07 -20.19 -25.67
C ILE A 196 5.95 -21.57 -26.27
N HIS A 197 5.93 -21.63 -27.59
CA HIS A 197 5.73 -22.87 -28.35
C HIS A 197 7.05 -23.54 -28.73
N ALA A 198 6.93 -24.80 -29.12
CA ALA A 198 8.07 -25.62 -29.62
C ALA A 198 8.41 -25.18 -31.04
N GLY A 199 7.43 -24.85 -31.83
CA GLY A 199 7.57 -24.57 -33.28
C GLY A 199 7.49 -23.09 -33.60
N GLU A 200 7.90 -22.75 -34.79
CA GLU A 200 7.78 -21.40 -35.34
C GLU A 200 6.36 -21.10 -35.73
N ASP A 201 5.90 -19.87 -35.41
CA ASP A 201 4.59 -19.35 -35.80
C ASP A 201 4.76 -18.78 -37.22
N ASP A 202 4.00 -19.36 -38.12
CA ASP A 202 4.04 -18.93 -39.54
C ASP A 202 3.27 -17.64 -39.82
N GLY A 203 2.66 -17.04 -38.79
CA GLY A 203 1.99 -15.73 -38.91
C GLY A 203 0.74 -15.77 -39.75
N VAL A 204 0.23 -16.93 -40.21
CA VAL A 204 -0.99 -16.95 -41.09
C VAL A 204 -1.98 -18.06 -40.71
N THR A 205 -1.54 -19.23 -40.29
CA THR A 205 -2.38 -20.43 -40.13
C THR A 205 -3.20 -20.36 -38.84
N ASP A 206 -4.49 -20.67 -38.87
CA ASP A 206 -5.31 -20.91 -37.65
C ASP A 206 -5.06 -22.32 -37.12
N PRO A 207 -5.11 -22.56 -35.79
CA PRO A 207 -5.37 -21.50 -34.81
C PRO A 207 -4.14 -20.80 -34.25
N SER A 208 -2.94 -21.34 -34.51
CA SER A 208 -1.74 -20.91 -33.76
C SER A 208 -0.52 -20.78 -34.64
N GLY A 209 -0.70 -20.63 -35.95
CA GLY A 209 0.44 -20.40 -36.85
C GLY A 209 1.25 -21.65 -37.02
N ASN A 210 0.66 -22.82 -36.81
CA ASN A 210 1.42 -24.08 -36.88
C ASN A 210 2.57 -24.10 -35.87
N SER A 211 2.37 -23.45 -34.70
N SER A 211 2.44 -23.48 -34.70
CA SER A 211 3.33 -23.27 -33.57
CA SER A 211 3.54 -23.39 -33.71
C SER A 211 3.57 -24.57 -32.80
C SER A 211 3.58 -24.58 -32.77
N GLY A 212 2.64 -25.52 -32.85
CA GLY A 212 2.76 -26.81 -32.18
C GLY A 212 2.70 -26.70 -30.67
N ASP A 213 3.43 -27.56 -29.99
CA ASP A 213 3.38 -27.79 -28.54
C ASP A 213 3.74 -26.52 -27.78
N ARG A 214 3.36 -26.58 -26.52
CA ARG A 214 3.56 -25.54 -25.51
C ARG A 214 4.75 -26.01 -24.67
N VAL A 215 5.88 -25.33 -24.80
CA VAL A 215 7.11 -25.77 -24.12
C VAL A 215 7.36 -24.96 -22.84
N ALA A 216 6.82 -23.76 -22.74
CA ALA A 216 6.99 -22.94 -21.54
C ALA A 216 5.76 -22.04 -21.42
N GLY A 217 5.55 -21.55 -20.23
CA GLY A 217 4.40 -20.68 -20.01
C GLY A 217 4.34 -20.17 -18.60
N GLY A 218 3.56 -19.13 -18.42
CA GLY A 218 3.32 -18.63 -17.09
C GLY A 218 2.08 -17.80 -17.04
N ASN A 219 1.64 -17.60 -15.81
CA ASN A 219 0.37 -16.88 -15.54
C ASN A 219 0.58 -15.38 -15.39
N ILE A 220 -0.31 -14.63 -15.98
CA ILE A 220 -0.38 -13.16 -15.83
C ILE A 220 -1.21 -12.94 -14.58
N PRO A 221 -0.68 -12.19 -13.60
CA PRO A 221 -1.44 -11.98 -12.38
C PRO A 221 -2.64 -11.08 -12.64
N GLU A 222 -3.46 -10.88 -11.61
N GLU A 222 -3.50 -10.94 -11.63
CA GLU A 222 -4.62 -9.96 -11.72
CA GLU A 222 -4.65 -10.01 -11.78
C GLU A 222 -4.72 -9.08 -10.47
C GLU A 222 -4.73 -9.08 -10.57
N ILE B 18 5.83 -16.99 -0.52
CA ILE B 18 5.41 -15.77 -1.29
C ILE B 18 6.60 -15.02 -1.91
N SER B 19 6.37 -14.32 -3.03
CA SER B 19 7.34 -13.51 -3.81
C SER B 19 6.80 -12.09 -3.98
N TYR B 20 7.69 -11.11 -3.90
CA TYR B 20 7.34 -9.69 -4.09
C TYR B 20 8.22 -9.15 -5.19
N TYR B 21 7.61 -8.48 -6.16
CA TYR B 21 8.29 -7.72 -7.23
C TYR B 21 7.81 -6.29 -7.20
N VAL B 22 8.74 -5.37 -7.41
CA VAL B 22 8.45 -3.91 -7.43
C VAL B 22 8.96 -3.37 -8.75
N ASN B 23 8.04 -2.87 -9.57
CA ASN B 23 8.33 -2.37 -10.93
C ASN B 23 9.31 -3.35 -11.57
N GLY B 24 9.13 -4.65 -11.37
CA GLY B 24 9.87 -5.73 -12.06
C GLY B 24 11.05 -6.35 -11.31
N LYS B 25 11.55 -5.74 -10.23
CA LYS B 25 12.72 -6.28 -9.50
C LYS B 25 12.24 -7.12 -8.31
N ASP B 26 12.92 -8.22 -8.05
CA ASP B 26 12.63 -9.12 -6.91
C ASP B 26 12.95 -8.41 -5.59
N HIS B 27 11.94 -8.26 -4.72
CA HIS B 27 12.10 -7.72 -3.34
C HIS B 27 11.64 -8.76 -2.33
N SER B 28 11.75 -10.06 -2.65
CA SER B 28 11.29 -11.17 -1.77
C SER B 28 12.22 -11.27 -0.56
N THR B 29 11.73 -11.81 0.53
CA THR B 29 12.55 -11.98 1.75
C THR B 29 13.41 -13.20 1.56
N PRO B 30 14.57 -13.27 2.24
CA PRO B 30 15.44 -14.44 2.17
C PRO B 30 14.76 -15.72 2.65
N ALA B 31 14.00 -15.66 3.76
CA ALA B 31 13.50 -16.83 4.50
C ALA B 31 12.03 -16.69 4.89
N GLY B 32 11.26 -15.90 4.15
CA GLY B 32 9.80 -15.81 4.31
C GLY B 32 9.36 -15.05 5.54
N GLN B 33 10.24 -14.22 6.10
CA GLN B 33 9.94 -13.46 7.34
C GLN B 33 10.21 -11.99 7.11
N PHE B 34 9.24 -11.22 7.59
CA PHE B 34 9.23 -9.75 7.67
C PHE B 34 9.84 -9.33 9.03
N MET B 35 10.93 -8.56 9.03
CA MET B 35 11.53 -8.00 10.28
C MET B 35 10.71 -6.77 10.70
N ASN B 36 10.04 -6.86 11.85
CA ASN B 36 9.16 -5.77 12.34
C ASN B 36 9.02 -5.87 13.86
N GLN B 37 9.09 -4.71 14.50
CA GLN B 37 8.83 -4.60 15.97
C GLN B 37 9.96 -5.33 16.74
N GLY B 38 11.12 -5.57 16.12
CA GLY B 38 12.21 -6.32 16.77
C GLY B 38 11.90 -7.78 16.87
N THR B 39 10.89 -8.26 16.13
CA THR B 39 10.65 -9.71 15.98
C THR B 39 10.58 -9.99 14.50
N ALA B 40 10.18 -11.20 14.16
CA ALA B 40 9.94 -11.64 12.78
C ALA B 40 8.47 -12.00 12.69
N ALA B 41 7.83 -11.62 11.60
CA ALA B 41 6.48 -12.10 11.29
C ALA B 41 6.59 -12.72 9.91
N PRO B 42 5.76 -13.73 9.61
CA PRO B 42 5.78 -14.37 8.30
C PRO B 42 5.45 -13.27 7.28
N ASP B 43 6.08 -13.30 6.11
CA ASP B 43 5.89 -12.23 5.08
C ASP B 43 4.50 -12.47 4.46
N SER B 44 3.78 -13.52 4.87
CA SER B 44 2.34 -13.76 4.55
C SER B 44 1.68 -14.69 5.54
N ILE B 45 0.35 -14.64 5.59
CA ILE B 45 -0.52 -15.52 6.42
C ILE B 45 -1.70 -15.96 5.56
N ILE B 46 -1.94 -17.27 5.54
CA ILE B 46 -3.17 -17.79 4.90
C ILE B 46 -4.13 -18.11 6.03
N HIS B 47 -5.28 -17.46 6.03
CA HIS B 47 -6.35 -17.65 7.03
C HIS B 47 -7.62 -17.92 6.25
N ASN B 48 -8.11 -19.14 6.38
CA ASN B 48 -9.41 -19.54 5.83
C ASN B 48 -9.46 -19.26 4.32
N GLY B 49 -8.41 -19.57 3.57
CA GLY B 49 -8.41 -19.42 2.09
C GLY B 49 -8.10 -18.01 1.62
N THR B 50 -7.74 -17.08 2.50
CA THR B 50 -7.40 -15.69 2.08
C THR B 50 -5.92 -15.46 2.42
N THR B 51 -5.16 -14.90 1.47
CA THR B 51 -3.74 -14.55 1.69
C THR B 51 -3.70 -13.13 2.23
N TYR B 52 -3.14 -13.01 3.43
CA TYR B 52 -2.91 -11.70 4.11
C TYR B 52 -1.43 -11.38 4.01
N VAL B 53 -1.15 -10.08 3.84
CA VAL B 53 0.26 -9.61 3.80
C VAL B 53 0.43 -8.44 4.77
N PRO B 54 1.64 -8.24 5.30
CA PRO B 54 1.82 -7.16 6.25
C PRO B 54 1.64 -5.79 5.57
N VAL B 55 0.79 -4.95 6.15
CA VAL B 55 0.53 -3.59 5.60
C VAL B 55 1.87 -2.85 5.57
N ARG B 56 2.68 -2.98 6.61
CA ARG B 56 3.95 -2.21 6.64
C ARG B 56 4.90 -2.69 5.55
N MET B 57 4.96 -3.99 5.24
CA MET B 57 5.95 -4.45 4.22
C MET B 57 5.56 -3.88 2.87
N VAL B 58 4.28 -3.89 2.51
CA VAL B 58 3.85 -3.40 1.18
C VAL B 58 3.98 -1.87 1.15
N SER B 59 3.57 -1.20 2.23
CA SER B 59 3.70 0.29 2.27
C SER B 59 5.19 0.64 2.16
N ASP B 60 6.09 -0.05 2.86
CA ASP B 60 7.55 0.22 2.81
C ASP B 60 8.04 0.04 1.37
N LEU B 61 7.53 -0.97 0.67
CA LEU B 61 8.01 -1.23 -0.71
C LEU B 61 7.62 -0.10 -1.66
N VAL B 62 6.58 0.72 -1.39
CA VAL B 62 6.18 1.86 -2.28
C VAL B 62 6.70 3.17 -1.67
N GLY B 63 7.39 3.07 -0.54
CA GLY B 63 8.02 4.26 0.11
C GLY B 63 7.01 5.11 0.83
N GLN B 64 5.90 4.54 1.27
CA GLN B 64 4.85 5.29 1.96
C GLN B 64 5.01 5.05 3.46
N PRO B 65 5.20 6.09 4.28
CA PRO B 65 5.31 5.83 5.72
C PRO B 65 4.04 5.23 6.32
N VAL B 66 4.23 4.52 7.41
CA VAL B 66 3.18 3.81 8.17
C VAL B 66 3.34 4.16 9.64
N TYR B 67 2.25 4.43 10.30
CA TYR B 67 2.23 4.68 11.75
C TYR B 67 1.07 3.90 12.35
N TRP B 68 1.23 3.55 13.61
CA TRP B 68 0.18 2.86 14.39
C TRP B 68 -0.13 3.59 15.68
N GLU B 69 -1.37 3.62 16.07
CA GLU B 69 -1.77 4.16 17.40
C GLU B 69 -2.67 3.12 18.05
N GLN B 70 -2.32 2.69 19.26
CA GLN B 70 -2.96 1.52 19.91
C GLN B 70 -4.36 1.87 20.39
N ALA B 71 -4.55 3.00 21.06
CA ALA B 71 -5.83 3.24 21.74
C ALA B 71 -6.98 3.32 20.72
N SER B 72 -6.72 3.97 19.61
CA SER B 72 -7.69 4.16 18.51
C SER B 72 -7.64 2.98 17.54
N ARG B 73 -6.75 2.04 17.75
CA ARG B 73 -6.45 0.93 16.82
C ARG B 73 -6.46 1.43 15.38
N THR B 74 -5.58 2.37 15.08
CA THR B 74 -5.57 3.02 13.76
C THR B 74 -4.20 2.90 13.14
N ILE B 75 -4.20 2.46 11.89
CA ILE B 75 -3.03 2.51 11.00
C ILE B 75 -3.14 3.80 10.19
N SER B 76 -2.13 4.64 10.28
CA SER B 76 -2.06 5.89 9.53
C SER B 76 -1.03 5.70 8.42
N LEU B 77 -1.43 5.82 7.14
CA LEU B 77 -0.48 5.66 6.03
C LEU B 77 -0.25 7.03 5.41
N GLY B 78 1.02 7.30 5.09
CA GLY B 78 1.43 8.57 4.47
C GLY B 78 1.63 9.67 5.49
N LEU B 79 0.70 9.91 6.38
N LEU B 79 0.60 9.98 6.28
CA LEU B 79 0.88 10.93 7.42
CA LEU B 79 0.56 11.05 7.33
C LEU B 79 0.03 10.55 8.62
C LEU B 79 0.04 10.46 8.64
N PRO B 80 0.55 10.84 9.83
CA PRO B 80 -0.10 10.41 11.05
C PRO B 80 -1.45 11.09 11.20
N VAL B 81 -2.44 10.39 11.70
CA VAL B 81 -3.76 10.91 12.11
C VAL B 81 -3.91 10.69 13.58
N VAL B 82 -4.25 11.74 14.32
CA VAL B 82 -4.49 11.65 15.79
C VAL B 82 -6.01 11.67 15.99
N LYS B 83 -6.53 10.72 16.77
CA LYS B 83 -7.95 10.70 17.14
C LYS B 83 -8.04 11.25 18.56
N LEU B 84 -8.92 12.23 18.74
CA LEU B 84 -9.10 12.98 19.99
C LEU B 84 -10.35 12.49 20.70
N TYR B 85 -10.26 12.33 22.00
CA TYR B 85 -11.38 11.82 22.83
C TYR B 85 -11.52 12.73 24.04
N ASN B 86 -12.74 12.81 24.61
CA ASN B 86 -12.95 13.51 25.90
C ASN B 86 -12.73 12.53 27.06
N ALA B 87 -12.89 12.98 28.29
CA ALA B 87 -12.69 12.15 29.50
C ALA B 87 -13.67 10.96 29.45
N ALA B 88 -14.85 11.10 28.85
CA ALA B 88 -15.86 10.00 28.76
C ALA B 88 -15.50 8.98 27.67
N GLY B 89 -14.45 9.20 26.87
CA GLY B 89 -14.10 8.27 25.77
C GLY B 89 -14.94 8.46 24.51
N GLU B 90 -15.65 9.57 24.35
CA GLU B 90 -16.31 9.92 23.07
C GLU B 90 -15.25 10.52 22.15
N SER B 91 -15.30 10.15 20.87
CA SER B 91 -14.53 10.77 19.77
C SER B 91 -15.01 12.23 19.62
N VAL B 92 -14.14 13.22 19.85
CA VAL B 92 -14.48 14.67 19.73
C VAL B 92 -13.62 15.32 18.65
N GLY B 93 -12.95 14.54 17.82
CA GLY B 93 -12.31 15.13 16.63
C GLY B 93 -11.01 14.43 16.26
N SER B 94 -10.18 15.14 15.51
N SER B 94 -10.27 15.04 15.36
CA SER B 94 -9.16 14.49 14.67
CA SER B 94 -9.05 14.43 14.80
C SER B 94 -8.12 15.51 14.20
C SER B 94 -8.09 15.52 14.34
N ALA B 95 -6.85 15.12 14.11
CA ALA B 95 -5.80 15.99 13.57
C ALA B 95 -4.92 15.18 12.65
N THR B 96 -4.48 15.77 11.56
CA THR B 96 -3.46 15.23 10.68
C THR B 96 -2.18 15.98 10.99
N LEU B 97 -1.06 15.32 10.92
CA LEU B 97 0.28 15.84 11.12
C LEU B 97 1.06 15.68 9.85
N GLU B 98 1.79 16.70 9.46
CA GLU B 98 2.60 16.67 8.23
C GLU B 98 3.97 17.28 8.51
N GLN B 99 5.01 16.68 8.05
CA GLN B 99 6.38 17.21 8.15
C GLN B 99 6.53 18.43 7.25
N ILE B 100 6.95 19.54 7.80
CA ILE B 100 7.27 20.75 7.00
C ILE B 100 8.66 21.24 7.37
N ASN B 101 9.16 22.21 6.59
CA ASN B 101 10.50 22.74 6.87
C ASN B 101 10.63 23.25 8.32
N ASP B 102 9.59 23.88 8.85
CA ASP B 102 9.64 24.63 10.12
C ASP B 102 9.16 23.76 11.29
N GLY B 103 8.90 22.46 11.09
CA GLY B 103 8.38 21.66 12.20
C GLY B 103 7.30 20.72 11.70
N VAL B 104 6.19 20.61 12.40
CA VAL B 104 5.11 19.68 12.04
C VAL B 104 3.85 20.50 11.96
N LYS B 105 3.19 20.43 10.82
CA LYS B 105 1.91 21.10 10.60
C LYS B 105 0.77 20.25 11.14
N VAL B 106 -0.08 20.81 11.97
CA VAL B 106 -1.24 20.16 12.61
C VAL B 106 -2.50 20.73 11.99
N LYS B 107 -3.32 19.91 11.38
CA LYS B 107 -4.67 20.36 10.96
C LYS B 107 -5.68 19.66 11.83
N ILE B 108 -6.37 20.41 12.67
CA ILE B 108 -7.20 19.81 13.75
C ILE B 108 -8.65 20.28 13.61
N THR B 109 -9.58 19.34 13.83
CA THR B 109 -11.02 19.57 14.03
C THR B 109 -11.42 18.93 15.35
N ALA B 110 -12.26 19.62 16.12
CA ALA B 110 -12.73 19.14 17.42
C ALA B 110 -14.15 19.67 17.60
N SER B 111 -14.97 18.92 18.33
CA SER B 111 -16.36 19.28 18.69
C SER B 111 -16.50 19.16 20.22
N GLY B 112 -17.64 19.58 20.75
CA GLY B 112 -17.95 19.37 22.16
C GLY B 112 -17.21 20.31 23.10
N LEU B 113 -16.65 21.42 22.60
CA LEU B 113 -15.80 22.31 23.44
C LEU B 113 -16.62 23.55 23.83
N THR B 114 -16.33 24.13 25.00
CA THR B 114 -16.96 25.39 25.43
C THR B 114 -16.51 26.51 24.49
N PRO B 115 -17.39 27.46 24.11
CA PRO B 115 -16.94 28.60 23.33
C PRO B 115 -15.83 29.39 24.01
N GLY B 116 -14.90 29.88 23.20
CA GLY B 116 -13.75 30.62 23.72
C GLY B 116 -12.45 29.94 23.32
N LYS B 117 -11.39 30.39 23.93
CA LYS B 117 -10.00 29.99 23.63
C LYS B 117 -9.61 28.83 24.54
N HIS B 118 -9.00 27.82 23.94
CA HIS B 118 -8.55 26.61 24.66
C HIS B 118 -7.07 26.34 24.44
N GLY B 119 -6.30 26.17 25.52
CA GLY B 119 -4.89 25.75 25.38
C GLY B 119 -4.79 24.43 24.62
N PHE B 120 -3.76 24.34 23.82
CA PHE B 120 -3.55 23.21 22.89
C PHE B 120 -2.05 22.96 22.79
N HIS B 121 -1.60 21.79 23.25
CA HIS B 121 -0.15 21.50 23.30
C HIS B 121 0.15 20.05 22.96
N VAL B 122 1.35 19.81 22.51
CA VAL B 122 1.92 18.46 22.51
C VAL B 122 2.43 18.21 23.93
N HIS B 123 2.04 17.12 24.54
CA HIS B 123 2.55 16.72 25.87
C HIS B 123 3.56 15.59 25.68
N GLU B 124 4.37 15.32 26.71
CA GLU B 124 5.57 14.49 26.58
C GLU B 124 5.21 13.01 26.45
N ASN B 125 4.14 12.52 27.07
CA ASN B 125 3.83 11.09 27.11
C ASN B 125 2.52 10.78 26.40
N VAL B 126 2.39 9.54 25.93
N VAL B 126 2.36 9.54 25.94
CA VAL B 126 1.08 8.96 25.53
CA VAL B 126 1.05 9.02 25.50
C VAL B 126 0.13 9.05 26.72
C VAL B 126 0.12 9.07 26.71
N ILE B 127 -1.16 9.20 26.43
CA ILE B 127 -2.26 9.14 27.43
C ILE B 127 -2.48 7.65 27.71
N GLN B 128 -2.35 7.27 28.98
N GLN B 128 -2.34 7.28 28.98
CA GLN B 128 -2.63 5.88 29.47
CA GLN B 128 -2.70 5.91 29.46
C GLN B 128 -4.12 5.83 29.84
C GLN B 128 -4.19 5.93 29.79
N GLY B 129 -4.96 5.16 29.02
CA GLY B 129 -6.40 4.89 29.25
C GLY B 129 -7.20 6.10 29.67
N GLY B 130 -7.28 7.14 28.84
CA GLY B 130 -8.11 8.33 29.10
C GLY B 130 -7.77 9.10 30.38
N ASP B 131 -6.68 8.76 31.07
CA ASP B 131 -6.18 9.60 32.19
C ASP B 131 -5.27 10.67 31.60
N PHE B 132 -5.80 11.89 31.41
CA PHE B 132 -4.99 12.93 30.72
C PHE B 132 -3.79 13.34 31.57
N LYS B 133 -3.79 13.17 32.91
CA LYS B 133 -2.60 13.51 33.72
C LYS B 133 -1.39 12.69 33.29
N SER B 134 -1.63 11.49 32.77
CA SER B 134 -0.57 10.54 32.42
C SER B 134 0.24 11.02 31.22
N ALA B 135 -0.29 12.02 30.52
CA ALA B 135 0.43 12.65 29.39
C ALA B 135 1.63 13.46 29.86
N GLY B 136 1.74 13.79 31.16
CA GLY B 136 2.86 14.57 31.68
C GLY B 136 2.79 16.03 31.25
N GLY B 137 3.90 16.71 31.26
CA GLY B 137 3.98 18.14 30.98
C GLY B 137 4.06 18.38 29.49
N HIS B 138 4.27 19.61 29.09
CA HIS B 138 4.45 19.93 27.65
C HIS B 138 5.71 19.31 27.13
N PHE B 139 5.72 18.86 25.87
CA PHE B 139 6.93 18.37 25.22
C PHE B 139 7.92 19.52 25.14
N ASN B 140 9.09 19.30 25.77
CA ASN B 140 10.08 20.38 25.98
C ASN B 140 11.50 19.87 25.78
N PRO B 141 11.82 19.37 24.57
CA PRO B 141 13.15 18.79 24.36
C PRO B 141 14.28 19.84 24.41
N THR B 142 13.98 21.11 24.13
CA THR B 142 14.99 22.21 24.10
C THR B 142 15.04 22.97 25.44
N ASP B 143 14.37 22.48 26.50
CA ASP B 143 14.43 23.03 27.87
C ASP B 143 14.15 24.54 27.89
N LYS B 144 13.04 24.98 27.32
CA LYS B 144 12.61 26.40 27.35
C LYS B 144 11.48 26.55 28.37
N HIS B 145 11.08 27.77 28.67
CA HIS B 145 9.87 28.09 29.48
C HIS B 145 8.65 27.94 28.57
N HIS B 146 7.46 27.85 29.14
CA HIS B 146 6.20 27.86 28.38
C HIS B 146 5.96 29.22 27.72
N GLY B 147 5.39 29.19 26.53
CA GLY B 147 4.59 30.31 26.03
C GLY B 147 5.18 30.96 24.80
N LEU B 148 4.31 31.13 23.81
CA LEU B 148 4.66 31.74 22.51
C LEU B 148 4.79 33.26 22.63
N GLU B 149 4.40 33.84 23.77
CA GLU B 149 4.60 35.30 24.04
C GLU B 149 5.63 35.50 25.15
N ASN B 150 6.40 34.48 25.50
CA ASN B 150 7.37 34.53 26.60
C ASN B 150 8.77 34.67 26.00
N PRO B 151 9.50 35.75 26.30
CA PRO B 151 10.83 35.96 25.74
C PRO B 151 11.79 34.78 26.04
N GLN B 152 11.50 34.02 27.10
CA GLN B 152 12.25 32.80 27.50
C GLN B 152 11.58 31.52 26.96
N GLY B 153 10.49 31.64 26.20
CA GLY B 153 9.80 30.48 25.59
C GLY B 153 10.53 30.03 24.33
N SER B 154 9.99 29.00 23.65
CA SER B 154 8.78 28.30 24.03
C SER B 154 9.03 26.78 24.00
N HIS B 155 8.16 26.01 24.63
CA HIS B 155 8.15 24.54 24.47
C HIS B 155 7.97 24.19 22.98
N VAL B 156 8.71 23.19 22.49
CA VAL B 156 8.38 22.67 21.13
C VAL B 156 6.90 22.30 21.12
N GLY B 157 6.32 21.80 22.20
CA GLY B 157 4.92 21.39 22.14
C GLY B 157 3.92 22.53 22.16
N ASP B 158 4.34 23.79 22.24
CA ASP B 158 3.37 24.88 22.42
C ASP B 158 2.72 25.29 21.09
N MET B 159 1.41 25.26 21.00
CA MET B 159 0.67 25.79 19.85
C MET B 159 -0.23 26.92 20.34
N PRO B 160 -0.75 27.74 19.43
CA PRO B 160 -1.69 28.76 19.84
C PRO B 160 -2.98 28.14 20.38
N ASN B 161 -3.79 29.00 20.99
CA ASN B 161 -5.08 28.58 21.49
C ASN B 161 -5.96 28.16 20.32
N LEU B 162 -6.74 27.14 20.56
CA LEU B 162 -7.86 26.84 19.66
C LEU B 162 -8.99 27.80 19.95
N VAL B 163 -9.49 28.50 18.93
CA VAL B 163 -10.67 29.40 19.07
C VAL B 163 -11.89 28.56 18.75
N VAL B 164 -12.76 28.41 19.73
CA VAL B 164 -13.98 27.58 19.59
C VAL B 164 -15.19 28.53 19.49
N GLY B 165 -15.99 28.32 18.45
CA GLY B 165 -17.19 29.11 18.17
C GLY B 165 -18.34 28.76 19.10
N THR B 166 -19.48 29.44 18.92
CA THR B 166 -20.71 29.21 19.71
C THR B 166 -21.18 27.76 19.50
N ASP B 167 -20.82 27.14 18.36
CA ASP B 167 -21.24 25.75 18.00
C ASP B 167 -20.39 24.69 18.73
N GLY B 168 -19.39 25.09 19.50
CA GLY B 168 -18.51 24.15 20.23
C GLY B 168 -17.45 23.51 19.35
N ASN B 169 -17.23 24.01 18.12
CA ASN B 169 -16.32 23.41 17.11
C ASN B 169 -15.03 24.24 17.00
N ALA B 170 -13.88 23.54 17.01
CA ALA B 170 -12.54 24.07 16.65
C ALA B 170 -12.21 23.61 15.23
N GLU B 171 -11.57 24.46 14.43
CA GLU B 171 -10.96 24.04 13.14
C GLU B 171 -9.73 24.91 12.94
N ALA B 172 -8.54 24.33 12.95
CA ALA B 172 -7.33 25.18 12.98
C ALA B 172 -6.20 24.49 12.25
N GLU B 173 -5.26 25.29 11.82
CA GLU B 173 -3.98 24.88 11.24
C GLU B 173 -2.90 25.55 12.08
N MET B 174 -1.99 24.75 12.63
N MET B 174 -2.06 24.77 12.74
CA MET B 174 -0.98 25.22 13.58
CA MET B 174 -0.95 25.33 13.56
C MET B 174 0.34 24.53 13.29
C MET B 174 0.32 24.53 13.32
N ILE B 175 1.43 25.05 13.81
CA ILE B 175 2.75 24.46 13.61
C ILE B 175 3.34 24.13 14.98
N ILE B 176 3.76 22.89 15.11
CA ILE B 176 4.67 22.48 16.21
C ILE B 176 6.05 22.90 15.77
N GLN B 177 6.51 24.04 16.24
CA GLN B 177 7.77 24.65 15.78
C GLN B 177 8.94 23.75 16.14
N HIS B 178 9.75 23.37 15.16
CA HIS B 178 10.95 22.52 15.32
C HIS B 178 10.60 21.06 15.64
N GLY B 179 9.31 20.73 15.64
CA GLY B 179 8.94 19.31 15.85
C GLY B 179 9.38 18.51 14.65
N THR B 180 9.39 17.21 14.77
CA THR B 180 9.68 16.35 13.60
C THR B 180 8.91 15.05 13.70
N LEU B 181 8.56 14.50 12.54
CA LEU B 181 8.03 13.14 12.43
C LEU B 181 9.14 12.15 12.11
N GLU B 182 10.38 12.59 11.90
CA GLU B 182 11.52 11.63 11.79
C GLU B 182 11.65 10.88 13.13
N LYS B 183 12.02 9.59 13.09
CA LYS B 183 12.22 8.76 14.30
C LYS B 183 13.56 9.08 14.96
N ASP B 184 13.61 8.92 16.30
CA ASP B 184 14.85 8.86 17.10
C ASP B 184 15.58 10.21 17.00
N GLN B 185 14.84 11.32 17.00
CA GLN B 185 15.41 12.67 17.11
C GLN B 185 14.95 13.30 18.42
N PRO B 186 15.74 14.26 18.97
CA PRO B 186 15.34 14.96 20.19
C PRO B 186 13.91 15.50 20.06
N ASN B 187 13.53 15.99 18.89
CA ASN B 187 12.25 16.73 18.73
C ASN B 187 11.17 15.87 18.08
N THR B 188 11.36 14.56 17.98
CA THR B 188 10.35 13.59 17.48
C THR B 188 9.06 13.73 18.29
N VAL B 189 7.93 13.95 17.64
CA VAL B 189 6.62 14.03 18.35
C VAL B 189 5.87 12.70 18.26
N LEU B 190 6.35 11.77 17.40
CA LEU B 190 5.72 10.44 17.33
C LEU B 190 5.66 9.83 18.75
N GLY B 191 4.56 9.17 19.04
CA GLY B 191 4.38 8.45 20.31
C GLY B 191 4.17 9.36 21.50
N ARG B 192 3.84 10.62 21.29
CA ARG B 192 3.45 11.56 22.36
C ARG B 192 1.95 11.79 22.31
N SER B 193 1.49 12.96 22.75
CA SER B 193 0.04 13.20 22.78
C SER B 193 -0.25 14.66 22.48
N LEU B 194 -1.49 14.88 22.08
CA LEU B 194 -2.08 16.24 21.99
C LEU B 194 -3.11 16.39 23.10
N ILE B 195 -3.10 17.54 23.78
CA ILE B 195 -4.07 17.85 24.87
C ILE B 195 -4.71 19.18 24.53
N ILE B 196 -6.03 19.19 24.68
CA ILE B 196 -6.87 20.42 24.66
C ILE B 196 -7.28 20.68 26.10
N HIS B 197 -7.13 21.92 26.51
CA HIS B 197 -7.42 22.38 27.89
C HIS B 197 -8.79 23.06 27.99
N ALA B 198 -9.31 23.14 29.22
CA ALA B 198 -10.57 23.83 29.55
C ALA B 198 -10.40 25.34 29.36
N GLY B 199 -9.26 25.86 29.75
CA GLY B 199 -8.98 27.31 29.81
C GLY B 199 -8.07 27.80 28.70
N GLU B 200 -8.03 29.12 28.59
CA GLU B 200 -7.18 29.87 27.66
C GLU B 200 -5.73 29.80 28.13
N ASP B 201 -4.83 29.52 27.19
CA ASP B 201 -3.37 29.60 27.39
C ASP B 201 -2.95 31.06 27.30
N ASP B 202 -2.35 31.59 28.37
CA ASP B 202 -2.02 33.03 28.43
C ASP B 202 -0.71 33.32 27.69
N GLY B 203 -0.03 32.30 27.16
CA GLY B 203 1.15 32.46 26.31
C GLY B 203 2.41 32.84 27.05
N VAL B 204 2.39 32.90 28.40
CA VAL B 204 3.54 33.44 29.20
C VAL B 204 3.90 32.58 30.41
N THR B 205 2.92 32.03 31.10
CA THR B 205 3.02 31.44 32.47
C THR B 205 3.66 30.06 32.36
N ASP B 206 4.75 29.80 33.07
CA ASP B 206 5.31 28.44 33.26
C ASP B 206 4.39 27.73 34.24
N PRO B 207 4.03 26.44 34.05
CA PRO B 207 4.49 25.62 32.94
C PRO B 207 3.49 25.36 31.81
N SER B 208 2.23 25.81 31.88
CA SER B 208 1.17 25.49 30.88
C SER B 208 0.33 26.71 30.52
N GLY B 209 0.82 27.93 30.77
CA GLY B 209 0.07 29.15 30.45
C GLY B 209 -1.23 29.29 31.24
N ASN B 210 -1.35 28.64 32.40
CA ASN B 210 -2.60 28.74 33.20
C ASN B 210 -3.81 28.24 32.38
N SER B 211 -3.64 27.22 31.53
N SER B 211 -3.58 27.20 31.56
CA SER B 211 -4.71 26.72 30.65
CA SER B 211 -4.58 26.60 30.64
C SER B 211 -5.65 25.76 31.41
C SER B 211 -5.61 25.76 31.41
N GLY B 212 -5.31 25.41 32.66
CA GLY B 212 -6.24 24.64 33.51
C GLY B 212 -6.41 23.20 33.08
N ASP B 213 -7.59 22.64 33.34
CA ASP B 213 -7.85 21.18 33.25
C ASP B 213 -7.63 20.71 31.81
N ARG B 214 -7.43 19.41 31.66
CA ARG B 214 -7.33 18.74 30.36
C ARG B 214 -8.71 18.17 30.05
N VAL B 215 -9.29 18.53 28.92
CA VAL B 215 -10.69 18.15 28.61
C VAL B 215 -10.74 17.23 27.38
N ALA B 216 -9.70 17.21 26.55
CA ALA B 216 -9.67 16.27 25.40
C ALA B 216 -8.22 15.97 25.04
N GLY B 217 -8.03 14.87 24.33
CA GLY B 217 -6.64 14.48 24.05
C GLY B 217 -6.60 13.28 23.16
N GLY B 218 -5.47 13.10 22.52
CA GLY B 218 -5.26 11.95 21.64
C GLY B 218 -3.80 11.62 21.56
N ASN B 219 -3.50 10.36 21.24
CA ASN B 219 -2.10 9.92 21.16
C ASN B 219 -1.61 10.09 19.73
N ILE B 220 -0.39 10.51 19.62
CA ILE B 220 0.27 10.66 18.32
C ILE B 220 0.78 9.28 17.95
N PRO B 221 0.45 8.79 16.75
CA PRO B 221 0.96 7.52 16.29
C PRO B 221 2.49 7.43 16.25
N GLU B 222 3.00 6.21 16.11
N GLU B 222 3.00 6.21 16.11
CA GLU B 222 4.45 5.99 15.97
CA GLU B 222 4.46 6.00 15.93
C GLU B 222 4.75 4.92 14.91
C GLU B 222 4.70 4.90 14.89
#